data_5DL7
#
_entry.id   5DL7
#
_cell.length_a   81.563
_cell.length_b   125.717
_cell.length_c   137.459
_cell.angle_alpha   90.00
_cell.angle_beta   90.00
_cell.angle_gamma   90.00
#
_symmetry.space_group_name_H-M   'I 2 2 2'
#
loop_
_entity.id
_entity.type
_entity.pdbx_description
1 polymer Porin
2 non-polymer 'CALCIUM ION'
3 non-polymer (HYDROXYETHYLOXY)TRI(ETHYLOXY)OCTANE
4 water water
#
_entity_poly.entity_id   1
_entity_poly.type   'polypeptide(L)'
_entity_poly.pdbx_seq_one_letter_code
;ANVRLQHHHHHHHLEEFIADSKAELTLRNFYFDRDYKKDPYPYTAARDWAQGLIFKGQSGYTEGTVGFGVDVLAMAGFNL
MGSRADDYARSGLLPVNTDNSRDDYYGKIGITGKAKFRKNELFVGDLVPQLPTIFSSPARLFPQTYRGIRFVSNEIPNLQ
LEGFYVDEVRQRDSIRYTDVGTDNINHRFNKAATTDSFYTLGGSYQLKDYRLRAYHAELKDIYQQQFLGFNGKQPLNDQL
NFLSDVRFFNSEETGSKKIGEVDNRHISGLFGLNYQNHTVSLGYMQSFGSTGLPFLSGTESPVVLDFMSSDYSNKDEKVY
SIRYEYDFKNARIGDVSLNGLRFMTRYAKGEDIDLLQYGDQRFKEDSLEFDLGYKIPEGKLKGLGMRARFSHYRNDMPTN
MTFHSANETRLNVDYTFKF
;
_entity_poly.pdbx_strand_id   A
#
loop_
_chem_comp.id
_chem_comp.type
_chem_comp.name
_chem_comp.formula
C8E non-polymer (HYDROXYETHYLOXY)TRI(ETHYLOXY)OCTANE 'C16 H34 O5'
CA non-polymer 'CALCIUM ION' 'Ca 2'
#
# COMPACT_ATOMS: atom_id res chain seq x y z
N ILE A 18 22.69 22.33 -1.03
CA ILE A 18 21.60 22.74 -0.03
C ILE A 18 20.41 23.28 -0.72
N ALA A 19 20.66 24.23 -1.59
CA ALA A 19 19.62 25.07 -2.03
C ALA A 19 18.45 24.26 -2.52
N ASP A 20 18.62 23.15 -3.26
CA ASP A 20 17.42 22.29 -3.63
C ASP A 20 17.13 21.08 -2.73
N SER A 21 17.81 20.99 -1.58
CA SER A 21 17.38 19.99 -0.54
C SER A 21 15.99 20.20 -0.04
N LYS A 22 15.42 19.16 0.53
CA LYS A 22 14.12 19.11 0.96
C LYS A 22 14.19 18.27 2.30
N ALA A 23 13.34 18.55 3.28
CA ALA A 23 13.35 17.76 4.51
C ALA A 23 12.02 17.95 5.17
N GLU A 24 11.54 16.91 5.79
CA GLU A 24 10.23 16.94 6.50
C GLU A 24 10.36 16.09 7.75
N LEU A 25 9.66 16.49 8.79
CA LEU A 25 9.55 15.71 10.07
C LEU A 25 8.08 15.46 10.40
N THR A 26 7.72 14.20 10.47
CA THR A 26 6.29 13.77 10.66
C THR A 26 6.16 13.10 11.99
N LEU A 27 5.27 13.56 12.77
CA LEU A 27 4.83 12.90 13.99
C LEU A 27 3.49 12.12 13.74
N ARG A 28 3.40 10.86 14.14
CA ARG A 28 2.19 10.04 13.86
C ARG A 28 1.72 9.34 15.10
N ASN A 29 0.43 9.39 15.39
CA ASN A 29 -0.18 8.63 16.45
C ASN A 29 -1.23 7.74 15.71
N PHE A 30 -1.13 6.46 15.88
CA PHE A 30 -1.91 5.44 15.09
C PHE A 30 -2.53 4.44 16.10
N TYR A 31 -3.83 4.34 16.11
CA TYR A 31 -4.51 3.26 16.83
C TYR A 31 -5.15 2.31 15.81
N PHE A 32 -4.95 1.03 16.01
CA PHE A 32 -5.41 0.00 15.05
C PHE A 32 -6.14 -1.05 15.87
N ASP A 33 -7.38 -1.30 15.48
CA ASP A 33 -8.17 -2.36 16.20
C ASP A 33 -8.90 -3.14 15.14
N ARG A 34 -8.54 -4.39 14.91
CA ARG A 34 -9.30 -5.25 14.01
C ARG A 34 -9.98 -6.30 15.02
N ASP A 35 -11.23 -6.03 15.31
CA ASP A 35 -11.94 -6.81 16.36
C ASP A 35 -12.67 -7.87 15.67
N TYR A 36 -12.12 -9.08 15.78
CA TYR A 36 -12.68 -10.28 15.16
C TYR A 36 -14.04 -10.58 15.66
N LYS A 37 -14.98 -10.91 14.78
CA LYS A 37 -16.35 -11.29 15.19
C LYS A 37 -16.43 -12.61 15.97
N LYS A 38 -15.64 -13.60 15.59
CA LYS A 38 -15.73 -14.95 16.12
C LYS A 38 -14.52 -15.32 16.95
N ASP A 39 -13.67 -14.36 17.38
CA ASP A 39 -12.55 -14.60 18.36
C ASP A 39 -11.81 -15.90 18.10
N PRO A 40 -11.05 -15.96 16.99
CA PRO A 40 -10.46 -17.22 16.59
C PRO A 40 -9.37 -17.37 17.64
N TYR A 41 -9.56 -18.37 18.48
CA TYR A 41 -8.66 -18.60 19.60
C TYR A 41 -7.13 -18.41 19.22
N PRO A 42 -6.31 -17.70 20.00
CA PRO A 42 -6.65 -17.22 21.37
C PRO A 42 -6.93 -15.71 21.50
N TYR A 43 -7.24 -15.03 20.41
CA TYR A 43 -7.23 -13.58 20.37
C TYR A 43 -8.62 -13.06 20.07
N THR A 44 -9.00 -11.97 20.76
CA THR A 44 -10.25 -11.30 20.48
C THR A 44 -10.21 -10.23 19.42
N ALA A 45 -8.99 -9.79 19.13
CA ALA A 45 -8.77 -8.66 18.21
C ALA A 45 -7.28 -8.59 17.93
N ALA A 46 -6.92 -8.00 16.78
CA ALA A 46 -5.54 -7.53 16.48
C ALA A 46 -5.55 -6.07 16.87
N ARG A 47 -4.61 -5.61 17.71
CA ARG A 47 -4.79 -4.26 18.26
C ARG A 47 -3.44 -3.73 18.69
N ASP A 48 -3.24 -2.43 18.46
CA ASP A 48 -2.04 -1.75 19.05
C ASP A 48 -2.32 -0.24 18.98
N TRP A 49 -1.56 0.49 19.82
CA TRP A 49 -1.64 1.91 19.84
C TRP A 49 -0.17 2.39 19.92
N ALA A 50 0.24 3.12 18.87
CA ALA A 50 1.64 3.50 18.75
C ALA A 50 1.84 4.90 18.26
N GLN A 51 3.04 5.44 18.61
CA GLN A 51 3.43 6.77 18.13
C GLN A 51 4.74 6.73 17.45
N GLY A 52 4.92 7.53 16.42
CA GLY A 52 6.13 7.48 15.64
C GLY A 52 6.61 8.84 15.15
N LEU A 53 7.90 8.95 15.05
CA LEU A 53 8.61 10.07 14.35
C LEU A 53 9.28 9.57 13.13
N ILE A 54 9.13 10.33 12.04
CA ILE A 54 9.82 10.04 10.85
C ILE A 54 10.45 11.31 10.23
N PHE A 55 11.78 11.23 9.92
CA PHE A 55 12.51 12.30 9.29
C PHE A 55 12.83 11.83 7.88
N LYS A 56 12.50 12.63 6.84
CA LYS A 56 12.82 12.28 5.43
C LYS A 56 13.49 13.41 4.82
N GLY A 57 14.74 13.22 4.42
CA GLY A 57 15.62 14.29 3.95
C GLY A 57 16.05 13.87 2.51
N GLN A 58 16.05 14.79 1.53
CA GLN A 58 16.52 14.50 0.18
C GLN A 58 17.35 15.65 -0.28
N SER A 59 18.69 15.52 -0.45
CA SER A 59 19.54 16.59 -0.79
C SER A 59 19.32 16.87 -2.33
N GLY A 60 19.74 18.06 -2.77
CA GLY A 60 19.88 18.26 -4.22
C GLY A 60 21.22 17.63 -4.63
N TYR A 61 21.69 18.01 -5.81
CA TYR A 61 22.85 17.41 -6.41
C TYR A 61 24.01 18.31 -6.48
N THR A 62 25.23 17.80 -6.29
CA THR A 62 26.42 18.55 -6.47
C THR A 62 26.55 19.04 -7.99
N GLU A 63 27.30 20.14 -8.20
CA GLU A 63 27.43 20.65 -9.58
C GLU A 63 28.47 19.76 -10.15
N GLY A 64 28.43 19.51 -11.44
CA GLY A 64 29.46 18.71 -12.11
C GLY A 64 28.71 18.09 -13.24
N THR A 65 29.40 17.54 -14.24
CA THR A 65 28.71 16.70 -15.29
C THR A 65 27.88 15.58 -14.70
N VAL A 66 28.48 14.94 -13.71
CA VAL A 66 27.76 14.05 -12.80
C VAL A 66 27.62 14.72 -11.41
N GLY A 67 26.41 14.77 -10.89
CA GLY A 67 26.15 15.37 -9.60
C GLY A 67 25.88 14.23 -8.62
N PHE A 68 26.14 14.51 -7.34
CA PHE A 68 25.97 13.46 -6.29
C PHE A 68 25.09 14.02 -5.21
N GLY A 69 24.36 13.18 -4.56
CA GLY A 69 23.67 13.57 -3.37
C GLY A 69 23.30 12.38 -2.47
N VAL A 70 22.49 12.67 -1.46
CA VAL A 70 22.17 11.67 -0.41
C VAL A 70 20.76 11.87 0.06
N ASP A 71 20.04 10.84 0.40
CA ASP A 71 18.70 10.96 0.96
C ASP A 71 18.78 10.05 2.30
N VAL A 72 17.96 10.38 3.24
CA VAL A 72 17.94 9.70 4.51
C VAL A 72 16.47 9.54 4.95
N LEU A 73 16.15 8.40 5.59
CA LEU A 73 14.82 8.22 6.17
C LEU A 73 15.14 7.72 7.66
N ALA A 74 14.70 8.36 8.66
CA ALA A 74 14.94 7.96 10.08
C ALA A 74 13.59 7.80 10.76
N MET A 75 13.40 6.70 11.56
CA MET A 75 12.08 6.22 12.13
C MET A 75 12.31 5.84 13.55
N ALA A 76 11.50 6.40 14.48
CA ALA A 76 11.51 5.99 15.88
C ALA A 76 10.04 5.77 16.28
N GLY A 77 9.70 4.60 16.80
CA GLY A 77 8.37 4.20 17.17
C GLY A 77 8.20 3.67 18.59
N PHE A 78 7.06 3.94 19.19
CA PHE A 78 6.79 3.66 20.60
C PHE A 78 5.49 3.05 20.84
N ASN A 79 5.42 2.11 21.79
CA ASN A 79 4.19 1.45 22.10
C ASN A 79 3.51 2.37 23.16
N LEU A 80 2.21 2.61 23.02
CA LEU A 80 1.45 3.41 23.99
C LEU A 80 0.52 2.55 24.83
N MET A 81 0.41 1.25 24.54
CA MET A 81 -0.42 0.41 25.43
C MET A 81 0.27 -0.38 26.49
N GLY A 82 1.56 -0.26 26.66
CA GLY A 82 2.24 -1.05 27.70
C GLY A 82 2.12 -2.56 27.46
N SER A 83 2.01 -3.33 28.58
CA SER A 83 1.93 -4.80 28.44
C SER A 83 0.55 -5.25 28.02
N ARG A 84 -0.43 -4.37 28.14
CA ARG A 84 -1.76 -4.64 27.66
C ARG A 84 -1.80 -5.13 26.15
N ALA A 85 -0.89 -4.58 25.35
CA ALA A 85 -0.80 -4.86 23.95
C ALA A 85 -0.63 -6.36 23.69
N ASP A 86 0.00 -7.04 24.68
CA ASP A 86 0.44 -8.47 24.51
C ASP A 86 -0.71 -9.42 24.52
N ASP A 87 -1.85 -8.98 24.93
CA ASP A 87 -3.01 -9.87 24.81
C ASP A 87 -3.81 -9.86 23.52
N TYR A 88 -3.30 -9.19 22.50
CA TYR A 88 -3.99 -9.07 21.24
C TYR A 88 -3.15 -9.59 20.12
N ALA A 89 -3.81 -9.92 18.98
CA ALA A 89 -3.10 -10.29 17.78
C ALA A 89 -2.32 -9.05 17.15
N ARG A 90 -1.23 -9.41 16.56
CA ARG A 90 -0.31 -8.47 16.03
C ARG A 90 -1.05 -7.58 15.02
N SER A 91 -0.83 -6.25 15.14
CA SER A 91 -1.37 -5.28 14.14
C SER A 91 -0.48 -4.95 13.01
N GLY A 92 0.82 -5.04 13.23
CA GLY A 92 1.78 -4.48 12.36
C GLY A 92 2.37 -3.08 12.65
N LEU A 93 1.86 -2.44 13.69
CA LEU A 93 2.35 -1.16 14.09
C LEU A 93 3.68 -1.30 14.86
N LEU A 94 3.84 -2.45 15.56
CA LEU A 94 4.99 -2.63 16.48
C LEU A 94 5.58 -4.08 16.23
N PRO A 95 6.88 -4.22 16.43
CA PRO A 95 7.48 -5.60 16.42
C PRO A 95 6.88 -6.45 17.49
N VAL A 96 6.57 -7.70 17.08
CA VAL A 96 5.96 -8.62 18.09
C VAL A 96 6.88 -9.87 18.21
N ASN A 97 7.17 -10.27 19.42
CA ASN A 97 8.01 -11.41 19.69
C ASN A 97 7.25 -12.72 19.59
N THR A 98 8.02 -13.79 19.64
CA THR A 98 7.44 -15.15 19.52
C THR A 98 6.54 -15.46 20.70
N ASP A 99 6.61 -14.79 21.86
CA ASP A 99 5.60 -14.94 22.88
C ASP A 99 4.39 -13.97 22.82
N ASN A 100 4.36 -13.15 21.78
CA ASN A 100 3.30 -12.18 21.47
C ASN A 100 3.52 -10.82 22.15
N SER A 101 4.59 -10.72 22.96
CA SER A 101 4.90 -9.45 23.64
C SER A 101 5.37 -8.47 22.50
N ARG A 102 4.97 -7.22 22.70
CA ARG A 102 5.50 -6.14 21.80
C ARG A 102 6.88 -5.70 22.27
N ASP A 103 7.75 -5.39 21.34
CA ASP A 103 8.78 -4.48 21.65
C ASP A 103 8.20 -3.05 21.87
N ASP A 104 8.66 -2.36 22.85
CA ASP A 104 8.07 -1.10 23.28
C ASP A 104 8.62 0.13 22.55
N TYR A 105 9.76 -0.07 21.86
CA TYR A 105 10.48 0.93 21.19
C TYR A 105 11.13 0.28 20.01
N TYR A 106 11.08 0.92 18.81
CA TYR A 106 11.90 0.45 17.74
C TYR A 106 12.30 1.58 16.88
N GLY A 107 13.53 1.49 16.38
CA GLY A 107 14.14 2.60 15.65
C GLY A 107 14.88 2.08 14.42
N LYS A 108 15.02 2.87 13.30
CA LYS A 108 15.69 2.33 12.13
C LYS A 108 15.99 3.47 11.15
N ILE A 109 17.07 3.34 10.46
CA ILE A 109 17.52 4.45 9.60
C ILE A 109 17.80 3.87 8.22
N GLY A 110 17.32 4.50 7.14
CA GLY A 110 17.71 4.21 5.77
C GLY A 110 18.45 5.30 5.06
N ILE A 111 19.52 4.98 4.42
CA ILE A 111 20.34 5.98 3.73
C ILE A 111 20.46 5.59 2.24
N THR A 112 20.55 6.59 1.33
CA THR A 112 20.62 6.32 -0.11
C THR A 112 21.62 7.26 -0.70
N GLY A 113 22.56 6.79 -1.49
CA GLY A 113 23.42 7.66 -2.18
C GLY A 113 22.81 7.76 -3.61
N LYS A 114 23.02 8.94 -4.23
CA LYS A 114 22.45 9.19 -5.58
C LYS A 114 23.36 9.97 -6.41
N ALA A 115 23.27 9.69 -7.72
CA ALA A 115 24.03 10.35 -8.72
C ALA A 115 23.18 10.70 -9.97
N LYS A 116 23.45 11.85 -10.58
CA LYS A 116 22.69 12.33 -11.69
C LYS A 116 23.56 12.79 -12.83
N PHE A 117 23.18 12.35 -14.02
CA PHE A 117 23.75 12.78 -15.28
C PHE A 117 22.60 13.19 -16.19
N ARG A 118 22.59 14.44 -16.67
CA ARG A 118 21.39 14.96 -17.29
C ARG A 118 20.10 14.64 -16.58
N LYS A 119 19.13 13.91 -17.18
CA LYS A 119 17.90 13.69 -16.44
C LYS A 119 17.79 12.16 -16.07
N ASN A 120 18.97 11.53 -15.87
CA ASN A 120 19.09 10.13 -15.50
C ASN A 120 19.61 10.12 -14.01
N GLU A 121 18.97 9.33 -13.16
CA GLU A 121 19.43 9.29 -11.75
C GLU A 121 19.57 7.85 -11.29
N LEU A 122 20.65 7.59 -10.53
CA LEU A 122 20.95 6.27 -10.02
C LEU A 122 20.92 6.45 -8.45
N PHE A 123 20.28 5.53 -7.78
CA PHE A 123 20.12 5.51 -6.32
C PHE A 123 20.57 4.15 -5.79
N VAL A 124 21.47 4.15 -4.75
CA VAL A 124 22.00 2.93 -4.23
C VAL A 124 21.77 2.99 -2.72
N GLY A 125 21.16 1.97 -2.19
CA GLY A 125 20.96 1.88 -0.73
C GLY A 125 19.58 1.54 -0.38
N ASP A 126 19.03 2.29 0.57
CA ASP A 126 17.72 2.08 1.09
C ASP A 126 16.71 2.80 0.15
N LEU A 127 15.66 2.08 -0.22
CA LEU A 127 14.71 2.56 -1.28
C LEU A 127 13.29 2.40 -0.81
N VAL A 128 12.37 3.28 -1.34
CA VAL A 128 10.92 3.16 -1.01
C VAL A 128 10.17 3.11 -2.39
N PRO A 129 10.16 1.96 -3.02
CA PRO A 129 9.55 1.79 -4.39
C PRO A 129 8.09 2.06 -4.34
N GLN A 130 7.59 2.57 -5.47
CA GLN A 130 6.21 2.94 -5.62
C GLN A 130 5.63 2.44 -6.97
N LEU A 131 5.91 1.23 -7.34
CA LEU A 131 5.46 0.62 -8.63
C LEU A 131 4.47 -0.43 -8.40
N PRO A 132 3.64 -0.73 -9.40
CA PRO A 132 2.69 -1.82 -9.19
C PRO A 132 3.24 -3.20 -8.98
N THR A 133 4.52 -3.43 -9.43
CA THR A 133 5.22 -4.67 -9.18
C THR A 133 5.99 -4.68 -7.80
N ILE A 134 6.10 -3.52 -7.17
CA ILE A 134 6.89 -3.37 -5.90
C ILE A 134 6.47 -2.03 -5.34
N PHE A 135 5.56 -2.12 -4.39
CA PHE A 135 5.03 -0.91 -3.79
C PHE A 135 5.16 -0.96 -2.28
N SER A 136 6.02 -0.05 -1.78
CA SER A 136 6.25 -0.04 -0.32
C SER A 136 4.91 0.21 0.43
N SER A 137 4.62 -0.65 1.33
CA SER A 137 3.41 -0.42 2.16
C SER A 137 3.54 0.81 3.04
N PRO A 138 2.58 1.72 2.95
CA PRO A 138 2.48 2.79 3.79
C PRO A 138 1.39 2.55 4.92
N ALA A 139 0.87 1.38 5.04
CA ALA A 139 -0.42 1.21 5.77
C ALA A 139 -0.22 0.93 7.25
N ARG A 140 1.04 0.96 7.77
CA ARG A 140 1.28 0.85 9.21
C ARG A 140 2.03 2.05 9.71
N LEU A 141 2.90 1.95 10.71
CA LEU A 141 3.46 3.09 11.29
C LEU A 141 4.52 3.69 10.40
N PHE A 142 5.39 2.86 9.85
CA PHE A 142 6.54 3.24 9.03
C PHE A 142 6.46 2.56 7.72
N PRO A 143 7.11 3.12 6.68
CA PRO A 143 7.11 2.51 5.35
C PRO A 143 7.97 1.25 5.32
N GLN A 144 7.55 0.27 4.59
CA GLN A 144 8.41 -0.82 4.07
C GLN A 144 9.51 -0.25 3.24
N THR A 145 10.75 -0.78 3.42
CA THR A 145 11.81 -0.35 2.59
C THR A 145 12.55 -1.57 1.99
N TYR A 146 13.28 -1.29 0.93
CA TYR A 146 14.11 -2.35 0.23
C TYR A 146 15.52 -1.84 0.07
N ARG A 147 16.51 -2.74 -0.03
CA ARG A 147 17.87 -2.39 -0.26
C ARG A 147 18.32 -2.86 -1.57
N GLY A 148 18.88 -1.95 -2.36
CA GLY A 148 19.37 -2.27 -3.72
C GLY A 148 19.71 -1.04 -4.49
N ILE A 149 19.34 -1.10 -5.79
CA ILE A 149 19.66 -0.05 -6.76
C ILE A 149 18.34 0.26 -7.50
N ARG A 150 18.24 1.58 -7.73
CA ARG A 150 17.09 2.12 -8.52
C ARG A 150 17.73 3.02 -9.58
N PHE A 151 17.20 2.90 -10.81
CA PHE A 151 17.62 3.81 -11.89
C PHE A 151 16.31 4.43 -12.47
N VAL A 152 16.41 5.75 -12.74
CA VAL A 152 15.23 6.51 -13.19
C VAL A 152 15.77 7.40 -14.32
N SER A 153 15.08 7.37 -15.52
CA SER A 153 15.46 8.34 -16.61
C SER A 153 14.23 9.14 -16.91
N ASN A 154 14.46 10.45 -17.02
CA ASN A 154 13.41 11.36 -17.47
C ASN A 154 13.88 12.03 -18.74
N GLU A 155 14.88 11.42 -19.38
CA GLU A 155 15.41 12.01 -20.63
C GLU A 155 14.39 12.14 -21.76
N ILE A 156 13.45 11.28 -21.82
CA ILE A 156 12.38 11.34 -22.82
C ILE A 156 11.21 12.15 -22.28
N PRO A 157 10.84 13.17 -22.93
CA PRO A 157 9.70 14.02 -22.48
C PRO A 157 8.43 13.17 -22.25
N ASN A 158 7.81 13.40 -21.08
CA ASN A 158 6.48 12.74 -20.74
C ASN A 158 6.62 11.27 -20.35
N LEU A 159 7.84 10.68 -20.46
CA LEU A 159 8.04 9.27 -20.18
C LEU A 159 9.05 9.12 -19.05
N GLN A 160 8.73 8.41 -18.03
CA GLN A 160 9.69 8.13 -17.02
C GLN A 160 10.02 6.64 -17.11
N LEU A 161 11.23 6.27 -17.32
CA LEU A 161 11.69 4.89 -17.39
C LEU A 161 12.36 4.64 -15.98
N GLU A 162 12.05 3.41 -15.43
CA GLU A 162 12.58 3.17 -14.07
C GLU A 162 12.83 1.66 -13.98
N GLY A 163 13.84 1.29 -13.18
CA GLY A 163 14.02 -0.10 -12.78
C GLY A 163 14.57 -0.17 -11.36
N PHE A 164 14.28 -1.28 -10.74
CA PHE A 164 14.78 -1.64 -9.37
C PHE A 164 15.48 -3.03 -9.45
N TYR A 165 16.55 -3.18 -8.69
CA TYR A 165 17.15 -4.51 -8.40
C TYR A 165 17.42 -4.51 -6.88
N VAL A 166 16.71 -5.36 -6.16
CA VAL A 166 16.80 -5.32 -4.74
C VAL A 166 17.01 -6.76 -4.19
N ASP A 167 17.66 -6.81 -3.06
CA ASP A 167 17.89 -8.15 -2.51
C ASP A 167 17.49 -8.26 -1.06
N GLU A 168 17.00 -7.22 -0.35
CA GLU A 168 16.54 -7.42 1.01
C GLU A 168 15.38 -6.43 1.17
N VAL A 169 14.58 -6.70 2.16
CA VAL A 169 13.41 -5.93 2.51
C VAL A 169 13.44 -5.68 4.02
N ARG A 170 13.08 -4.45 4.48
CA ARG A 170 12.87 -4.28 5.90
C ARG A 170 11.37 -3.95 6.11
N GLN A 171 10.69 -4.85 6.68
CA GLN A 171 9.22 -4.80 6.82
C GLN A 171 8.89 -3.59 7.72
N ARG A 172 7.68 -3.13 7.50
CA ARG A 172 7.22 -1.95 8.26
C ARG A 172 7.36 -2.04 9.78
N ASP A 173 7.08 -3.21 10.31
CA ASP A 173 7.13 -3.51 11.73
C ASP A 173 8.41 -4.27 12.18
N SER A 174 9.51 -4.00 11.49
CA SER A 174 10.79 -4.67 11.79
C SER A 174 11.91 -3.74 11.76
N ILE A 175 12.88 -4.01 12.66
CA ILE A 175 14.12 -3.31 12.59
C ILE A 175 15.15 -4.00 11.71
N ARG A 176 14.89 -5.22 11.32
CA ARG A 176 15.95 -6.02 10.54
C ARG A 176 15.63 -6.13 9.01
N TYR A 177 16.64 -6.04 8.17
CA TYR A 177 16.50 -6.49 6.78
C TYR A 177 16.46 -7.94 6.69
N THR A 178 15.58 -8.48 5.87
CA THR A 178 15.37 -9.89 5.69
C THR A 178 15.32 -10.13 4.16
N ASP A 179 15.27 -11.38 3.74
CA ASP A 179 15.23 -11.66 2.30
C ASP A 179 13.86 -11.28 1.71
N VAL A 180 13.92 -10.83 0.47
CA VAL A 180 12.66 -10.56 -0.27
C VAL A 180 11.90 -11.91 -0.50
N GLY A 181 10.64 -11.81 -0.71
CA GLY A 181 9.80 -12.96 -0.93
C GLY A 181 8.35 -12.67 -0.91
N THR A 182 7.54 -13.67 -0.59
CA THR A 182 6.09 -13.61 -0.63
C THR A 182 5.51 -14.07 0.67
N ASP A 183 4.35 -13.57 0.97
CA ASP A 183 3.53 -14.13 2.05
C ASP A 183 2.59 -15.20 1.39
N ASN A 184 1.96 -16.01 2.26
CA ASN A 184 0.99 -16.99 1.71
C ASN A 184 -0.37 -16.58 2.27
N ILE A 185 -1.15 -15.93 1.50
CA ILE A 185 -2.43 -15.37 1.96
C ILE A 185 -3.53 -16.42 1.69
N ASN A 186 -4.30 -16.83 2.70
CA ASN A 186 -5.32 -17.82 2.42
C ASN A 186 -4.84 -19.06 1.72
N HIS A 187 -3.61 -19.50 2.11
CA HIS A 187 -3.01 -20.68 1.49
C HIS A 187 -3.09 -20.67 -0.04
N ARG A 188 -2.87 -19.55 -0.61
CA ARG A 188 -2.96 -19.31 -2.07
C ARG A 188 -1.95 -20.14 -2.88
N PHE A 189 -0.77 -20.28 -2.27
CA PHE A 189 0.36 -20.99 -2.79
C PHE A 189 0.86 -22.05 -1.84
N ASN A 190 1.95 -22.75 -2.19
CA ASN A 190 2.38 -23.88 -1.39
C ASN A 190 2.93 -23.41 -0.06
N LYS A 191 3.53 -22.24 0.03
CA LYS A 191 4.17 -21.74 1.27
C LYS A 191 4.47 -20.31 1.05
N ALA A 192 4.84 -19.62 2.12
CA ALA A 192 5.50 -18.31 1.98
C ALA A 192 6.98 -18.66 1.70
N ALA A 193 7.69 -17.94 0.86
CA ALA A 193 9.03 -18.22 0.51
C ALA A 193 9.87 -16.98 0.40
N THR A 194 11.17 -17.18 0.53
CA THR A 194 12.07 -16.06 0.35
C THR A 194 13.08 -16.44 -0.73
N THR A 195 13.79 -15.44 -1.20
CA THR A 195 14.78 -15.62 -2.25
C THR A 195 15.83 -14.53 -2.23
N ASP A 196 16.76 -14.57 -3.13
CA ASP A 196 17.74 -13.57 -2.95
C ASP A 196 17.71 -12.37 -3.81
N SER A 197 16.77 -12.29 -4.73
CA SER A 197 16.69 -11.07 -5.50
C SER A 197 15.39 -10.87 -6.22
N PHE A 198 15.12 -9.59 -6.54
CA PHE A 198 13.92 -9.17 -7.22
C PHE A 198 14.40 -8.05 -8.18
N TYR A 199 13.89 -8.09 -9.39
CA TYR A 199 14.11 -6.95 -10.26
C TYR A 199 12.82 -6.59 -11.02
N THR A 200 12.72 -5.28 -11.33
CA THR A 200 11.59 -4.81 -12.14
C THR A 200 12.08 -3.64 -13.03
N LEU A 201 11.49 -3.56 -14.22
CA LEU A 201 11.74 -2.41 -15.07
C LEU A 201 10.51 -2.09 -15.94
N GLY A 202 10.39 -0.80 -16.27
CA GLY A 202 9.30 -0.42 -17.17
C GLY A 202 9.23 1.09 -17.26
N GLY A 203 8.08 1.53 -17.54
CA GLY A 203 7.89 2.95 -17.77
C GLY A 203 6.47 3.45 -17.54
N SER A 204 6.35 4.77 -17.45
CA SER A 204 5.07 5.48 -17.26
C SER A 204 5.05 6.68 -18.22
N TYR A 205 4.03 6.76 -19.05
CA TYR A 205 3.91 7.77 -20.03
C TYR A 205 2.75 8.66 -19.71
N GLN A 206 3.02 9.99 -19.63
CA GLN A 206 1.93 10.88 -19.23
C GLN A 206 1.35 11.59 -20.39
N LEU A 207 0.11 11.33 -20.76
CA LEU A 207 -0.69 12.11 -21.76
C LEU A 207 -1.36 13.32 -21.14
N LYS A 208 -2.24 13.98 -21.89
CA LYS A 208 -2.87 15.15 -21.31
C LYS A 208 -3.67 14.79 -20.03
N ASP A 209 -4.54 13.84 -20.29
CA ASP A 209 -5.50 13.47 -19.26
C ASP A 209 -5.32 12.05 -18.74
N TYR A 210 -4.37 11.25 -19.26
CA TYR A 210 -4.20 9.88 -18.97
C TYR A 210 -2.74 9.55 -18.78
N ARG A 211 -2.45 8.57 -17.96
CA ARG A 211 -1.09 8.05 -17.75
C ARG A 211 -1.21 6.61 -18.16
N LEU A 212 -0.22 6.08 -18.86
CA LEU A 212 -0.18 4.64 -19.31
C LEU A 212 1.10 4.04 -18.72
N ARG A 213 1.12 2.83 -18.14
CA ARG A 213 2.19 2.27 -17.43
C ARG A 213 2.30 0.79 -17.86
N ALA A 214 3.57 0.33 -17.86
CA ALA A 214 3.91 -1.06 -18.23
C ALA A 214 5.18 -1.37 -17.43
N TYR A 215 5.16 -2.55 -16.79
CA TYR A 215 6.34 -3.01 -16.07
C TYR A 215 6.42 -4.55 -16.17
N HIS A 216 7.62 -5.02 -16.09
CA HIS A 216 7.98 -6.44 -15.95
C HIS A 216 8.79 -6.64 -14.63
N ALA A 217 8.57 -7.75 -13.98
CA ALA A 217 9.22 -8.06 -12.70
C ALA A 217 9.52 -9.59 -12.64
N GLU A 218 10.61 -9.88 -11.94
CA GLU A 218 10.97 -11.25 -11.61
C GLU A 218 11.39 -11.27 -10.14
N LEU A 219 10.70 -12.16 -9.37
CA LEU A 219 11.18 -12.53 -8.00
C LEU A 219 11.81 -13.90 -8.17
N LYS A 220 13.13 -13.92 -8.00
CA LYS A 220 14.00 -15.03 -8.49
C LYS A 220 13.49 -16.37 -7.90
N ASP A 221 13.20 -17.36 -8.75
CA ASP A 221 12.79 -18.75 -8.39
C ASP A 221 11.42 -18.77 -7.78
N ILE A 222 10.61 -17.72 -7.90
CA ILE A 222 9.29 -17.63 -7.38
C ILE A 222 8.26 -17.29 -8.45
N TYR A 223 8.34 -16.09 -8.99
CA TYR A 223 7.37 -15.71 -10.05
C TYR A 223 7.98 -14.66 -10.99
N GLN A 224 7.37 -14.59 -12.18
CA GLN A 224 7.53 -13.42 -13.10
C GLN A 224 6.18 -12.78 -13.21
N GLN A 225 6.14 -11.47 -13.35
CA GLN A 225 4.91 -10.72 -13.36
C GLN A 225 5.00 -9.52 -14.36
N GLN A 226 3.99 -9.41 -15.21
CA GLN A 226 3.88 -8.14 -15.96
C GLN A 226 2.68 -7.34 -15.58
N PHE A 227 2.77 -6.05 -15.70
CA PHE A 227 1.67 -5.13 -15.40
C PHE A 227 1.43 -4.25 -16.63
N LEU A 228 0.17 -4.02 -16.91
CA LEU A 228 -0.20 -2.95 -17.85
C LEU A 228 -1.32 -2.17 -17.18
N GLY A 229 -1.33 -0.88 -17.34
CA GLY A 229 -2.42 -0.08 -16.66
C GLY A 229 -2.55 1.28 -17.25
N PHE A 230 -3.68 1.93 -16.95
CA PHE A 230 -3.82 3.34 -17.25
C PHE A 230 -4.67 3.96 -16.18
N ASN A 231 -4.51 5.27 -16.06
CA ASN A 231 -5.40 6.05 -15.18
C ASN A 231 -5.59 7.46 -15.71
N GLY A 232 -6.77 8.02 -15.50
CA GLY A 232 -7.02 9.30 -16.06
C GLY A 232 -8.08 10.10 -15.37
N LYS A 233 -8.10 11.35 -15.76
CA LYS A 233 -9.11 12.29 -15.28
C LYS A 233 -9.40 13.17 -16.49
N GLN A 234 -10.49 12.89 -17.12
CA GLN A 234 -10.79 13.49 -18.34
C GLN A 234 -12.07 14.39 -18.18
N PRO A 235 -11.97 15.64 -18.57
CA PRO A 235 -13.18 16.51 -18.44
C PRO A 235 -14.15 16.11 -19.51
N LEU A 236 -15.41 15.84 -19.20
CA LEU A 236 -16.50 15.62 -20.19
C LEU A 236 -17.20 16.94 -20.57
N ASN A 237 -17.17 17.93 -19.67
CA ASN A 237 -17.58 19.33 -19.92
C ASN A 237 -16.90 20.14 -18.79
N ASP A 238 -17.31 21.39 -18.63
CA ASP A 238 -16.69 22.32 -17.68
C ASP A 238 -16.88 21.95 -16.26
N GLN A 239 -17.87 21.12 -15.99
CA GLN A 239 -18.15 20.77 -14.63
C GLN A 239 -18.05 19.25 -14.29
N LEU A 240 -17.97 18.31 -15.26
CA LEU A 240 -18.00 16.92 -14.96
C LEU A 240 -16.72 16.26 -15.45
N ASN A 241 -16.05 15.50 -14.56
CA ASN A 241 -14.82 14.81 -14.90
C ASN A 241 -15.08 13.32 -14.80
N PHE A 242 -14.48 12.56 -15.72
CA PHE A 242 -14.57 11.08 -15.76
C PHE A 242 -13.25 10.51 -15.33
N LEU A 243 -13.23 9.82 -14.21
CA LEU A 243 -12.02 9.33 -13.59
C LEU A 243 -11.90 7.80 -13.91
N SER A 244 -10.69 7.32 -14.07
CA SER A 244 -10.45 5.86 -14.39
C SER A 244 -9.14 5.44 -13.80
N ASP A 245 -9.09 4.19 -13.36
CA ASP A 245 -7.86 3.56 -12.96
C ASP A 245 -8.03 2.10 -13.25
N VAL A 246 -7.21 1.57 -14.14
CA VAL A 246 -7.35 0.20 -14.60
C VAL A 246 -6.01 -0.47 -14.48
N ARG A 247 -6.03 -1.70 -13.97
CA ARG A 247 -4.77 -2.44 -13.67
C ARG A 247 -4.90 -3.86 -14.11
N PHE A 248 -3.91 -4.33 -14.88
CA PHE A 248 -3.87 -5.72 -15.31
C PHE A 248 -2.55 -6.34 -14.96
N PHE A 249 -2.62 -7.51 -14.30
CA PHE A 249 -1.43 -8.34 -13.94
C PHE A 249 -1.46 -9.64 -14.61
N ASN A 250 -0.28 -10.07 -14.98
CA ASN A 250 -0.03 -11.42 -15.55
C ASN A 250 1.13 -12.01 -14.80
N SER A 251 0.87 -13.24 -14.23
CA SER A 251 1.88 -13.85 -13.34
C SER A 251 2.03 -15.32 -13.64
N GLU A 252 3.26 -15.78 -13.57
CA GLU A 252 3.63 -17.21 -13.84
C GLU A 252 4.77 -17.57 -12.94
N GLU A 253 4.89 -18.86 -12.61
CA GLU A 253 6.02 -19.25 -11.77
C GLU A 253 7.30 -19.25 -12.60
N THR A 254 8.45 -19.24 -11.95
CA THR A 254 9.73 -19.31 -12.70
C THR A 254 10.79 -20.04 -11.88
N GLY A 255 11.87 -20.44 -12.55
CA GLY A 255 13.02 -21.08 -11.91
C GLY A 255 12.62 -22.33 -11.13
N SER A 256 13.08 -22.42 -9.91
CA SER A 256 12.81 -23.56 -9.06
C SER A 256 11.46 -23.58 -8.47
N LYS A 257 10.66 -22.62 -8.73
CA LYS A 257 9.26 -22.48 -8.30
C LYS A 257 8.98 -22.77 -6.86
N LYS A 258 9.59 -21.92 -6.04
CA LYS A 258 9.58 -22.23 -4.57
C LYS A 258 8.24 -22.23 -3.98
N ILE A 259 7.21 -21.58 -4.54
CA ILE A 259 5.82 -21.49 -3.98
C ILE A 259 4.84 -22.39 -4.83
N GLY A 260 5.42 -23.10 -5.67
CA GLY A 260 4.69 -23.98 -6.61
C GLY A 260 4.16 -23.28 -7.84
N GLU A 261 3.11 -23.83 -8.42
CA GLU A 261 2.41 -23.23 -9.53
C GLU A 261 1.92 -21.85 -9.24
N VAL A 262 2.15 -20.94 -10.22
CA VAL A 262 1.59 -19.60 -10.16
C VAL A 262 1.00 -19.36 -11.54
N ASP A 263 -0.22 -19.02 -11.60
CA ASP A 263 -0.98 -18.92 -12.92
C ASP A 263 -2.17 -17.97 -12.72
N ASN A 264 -1.92 -16.69 -12.97
CA ASN A 264 -2.93 -15.71 -12.66
C ASN A 264 -2.92 -14.56 -13.69
N ARG A 265 -4.10 -14.19 -14.05
CA ARG A 265 -4.33 -12.83 -14.64
C ARG A 265 -5.27 -12.15 -13.76
N HIS A 266 -5.06 -10.87 -13.50
CA HIS A 266 -5.94 -10.13 -12.63
C HIS A 266 -6.29 -8.75 -13.27
N ILE A 267 -7.58 -8.48 -13.39
CA ILE A 267 -7.98 -7.17 -13.98
C ILE A 267 -8.71 -6.49 -12.92
N SER A 268 -8.50 -5.17 -12.77
CA SER A 268 -9.27 -4.35 -11.85
C SER A 268 -9.47 -2.97 -12.42
N GLY A 269 -10.62 -2.39 -12.11
CA GLY A 269 -10.89 -1.01 -12.64
C GLY A 269 -11.79 -0.30 -11.66
N LEU A 270 -11.57 0.95 -11.52
CA LEU A 270 -12.44 1.87 -10.78
C LEU A 270 -12.75 3.04 -11.71
N PHE A 271 -14.03 3.31 -11.89
CA PHE A 271 -14.49 4.34 -12.82
C PHE A 271 -15.41 5.29 -12.10
N GLY A 272 -15.19 6.60 -12.18
CA GLY A 272 -15.91 7.55 -11.42
C GLY A 272 -16.35 8.78 -12.17
N LEU A 273 -17.46 9.36 -11.73
CA LEU A 273 -17.87 10.70 -12.16
C LEU A 273 -17.67 11.64 -10.99
N ASN A 274 -17.03 12.79 -11.24
CA ASN A 274 -16.77 13.92 -10.35
C ASN A 274 -17.49 15.13 -10.77
N TYR A 275 -18.31 15.70 -9.88
CA TYR A 275 -19.21 16.83 -10.18
C TYR A 275 -19.33 17.64 -8.86
N GLN A 276 -18.93 18.89 -8.88
CA GLN A 276 -19.15 19.82 -7.77
C GLN A 276 -18.65 19.15 -6.38
N ASN A 277 -17.51 18.60 -6.43
CA ASN A 277 -16.72 18.06 -5.28
C ASN A 277 -17.29 16.74 -4.76
N HIS A 278 -18.30 16.23 -5.46
CA HIS A 278 -18.74 14.85 -5.34
C HIS A 278 -18.05 13.91 -6.30
N THR A 279 -17.79 12.69 -5.90
CA THR A 279 -17.33 11.65 -6.78
C THR A 279 -18.16 10.39 -6.48
N VAL A 280 -18.74 9.82 -7.54
CA VAL A 280 -19.38 8.50 -7.44
C VAL A 280 -18.64 7.56 -8.29
N SER A 281 -18.26 6.37 -7.77
CA SER A 281 -17.48 5.48 -8.60
C SER A 281 -17.99 4.03 -8.55
N LEU A 282 -17.71 3.27 -9.53
CA LEU A 282 -17.99 1.86 -9.52
C LEU A 282 -16.71 1.16 -9.82
N GLY A 283 -16.52 0.00 -9.16
CA GLY A 283 -15.32 -0.79 -9.24
C GLY A 283 -15.64 -2.26 -9.60
N TYR A 284 -14.76 -2.93 -10.35
CA TYR A 284 -14.85 -4.31 -10.70
C TYR A 284 -13.48 -4.92 -10.67
N MET A 285 -13.39 -6.17 -10.14
CA MET A 285 -12.18 -6.95 -10.24
C MET A 285 -12.50 -8.37 -10.60
N GLN A 286 -11.56 -8.99 -11.28
CA GLN A 286 -11.63 -10.43 -11.45
C GLN A 286 -10.31 -11.12 -11.63
N SER A 287 -10.16 -12.24 -10.91
CA SER A 287 -9.08 -13.10 -11.10
C SER A 287 -9.32 -14.22 -12.04
N PHE A 288 -8.31 -14.55 -12.85
CA PHE A 288 -8.38 -15.66 -13.78
C PHE A 288 -7.18 -16.56 -13.62
N GLY A 289 -7.35 -17.88 -13.89
CA GLY A 289 -6.20 -18.75 -13.82
C GLY A 289 -6.21 -19.71 -12.62
N SER A 290 -5.23 -20.58 -12.61
CA SER A 290 -5.18 -21.67 -11.55
C SER A 290 -4.91 -21.19 -10.15
N THR A 291 -4.41 -20.02 -9.96
CA THR A 291 -4.12 -19.41 -8.66
C THR A 291 -4.63 -18.08 -8.47
N GLY A 292 -4.49 -17.54 -7.28
CA GLY A 292 -4.69 -16.16 -7.05
C GLY A 292 -3.46 -15.38 -7.45
N LEU A 293 -3.53 -14.10 -7.16
CA LEU A 293 -2.51 -13.11 -7.50
C LEU A 293 -1.30 -13.10 -6.50
N PRO A 294 -0.13 -13.31 -6.98
CA PRO A 294 1.08 -13.11 -6.10
C PRO A 294 1.55 -11.70 -6.09
N PHE A 295 2.21 -11.34 -4.95
CA PHE A 295 2.87 -10.04 -4.79
C PHE A 295 3.87 -10.12 -3.64
N LEU A 296 4.65 -9.12 -3.48
CA LEU A 296 5.73 -9.18 -2.47
C LEU A 296 5.19 -9.26 -1.07
N SER A 297 5.97 -9.85 -0.20
CA SER A 297 5.64 -9.93 1.25
C SER A 297 5.51 -8.54 1.85
N GLY A 298 4.75 -8.51 2.94
CA GLY A 298 4.69 -7.34 3.84
C GLY A 298 3.86 -6.14 3.42
N THR A 299 3.05 -6.39 2.37
CA THR A 299 2.33 -5.27 1.70
C THR A 299 0.89 -5.76 1.23
N GLU A 300 0.16 -4.74 0.87
CA GLU A 300 -1.20 -4.89 0.40
C GLU A 300 -1.16 -5.36 -1.01
N SER A 301 -2.26 -6.05 -1.45
CA SER A 301 -2.37 -6.35 -2.92
C SER A 301 -2.34 -5.10 -3.76
N PRO A 302 -1.69 -5.12 -4.88
CA PRO A 302 -1.53 -3.98 -5.76
C PRO A 302 -2.67 -3.60 -6.68
N VAL A 303 -3.79 -4.27 -6.50
CA VAL A 303 -4.97 -4.06 -7.35
C VAL A 303 -5.69 -2.80 -6.98
N VAL A 304 -6.64 -2.42 -7.84
CA VAL A 304 -7.18 -1.09 -7.68
C VAL A 304 -7.94 -0.85 -6.43
N LEU A 305 -8.68 -1.84 -6.04
CA LEU A 305 -9.55 -1.72 -4.79
C LEU A 305 -8.67 -2.06 -3.61
N ASP A 306 -8.34 -1.12 -2.76
CA ASP A 306 -7.38 -1.31 -1.63
C ASP A 306 -8.13 -1.23 -0.29
N PHE A 307 -8.91 -2.26 0.00
CA PHE A 307 -9.77 -2.31 1.25
C PHE A 307 -9.03 -2.73 2.51
N MET A 308 -9.52 -2.40 3.64
CA MET A 308 -8.90 -2.47 4.93
C MET A 308 -8.67 -3.92 5.38
N SER A 309 -9.67 -4.78 5.18
CA SER A 309 -9.78 -5.98 6.02
C SER A 309 -9.50 -7.28 5.19
N SER A 310 -9.26 -7.16 3.88
CA SER A 310 -8.90 -8.30 3.03
C SER A 310 -8.24 -7.74 1.80
N ASP A 311 -7.55 -8.60 1.05
CA ASP A 311 -6.97 -8.26 -0.23
C ASP A 311 -7.87 -8.40 -1.41
N TYR A 312 -8.99 -9.10 -1.29
CA TYR A 312 -9.97 -9.29 -2.42
C TYR A 312 -9.33 -9.82 -3.68
N SER A 313 -8.21 -10.58 -3.55
CA SER A 313 -7.36 -11.00 -4.67
C SER A 313 -7.26 -12.54 -4.79
N ASN A 314 -8.25 -13.26 -4.29
CA ASN A 314 -8.22 -14.74 -4.30
C ASN A 314 -8.43 -15.28 -5.67
N LYS A 315 -8.05 -16.55 -5.84
CA LYS A 315 -8.30 -17.35 -7.05
C LYS A 315 -9.84 -17.26 -7.40
N ASP A 316 -10.09 -16.88 -8.63
CA ASP A 316 -11.40 -16.75 -9.26
C ASP A 316 -12.32 -15.72 -8.72
N GLU A 317 -11.82 -14.86 -7.82
CA GLU A 317 -12.72 -13.93 -7.12
C GLU A 317 -13.16 -12.82 -8.08
N LYS A 318 -14.46 -12.64 -8.11
CA LYS A 318 -15.10 -11.50 -8.80
C LYS A 318 -15.50 -10.52 -7.78
N VAL A 319 -15.18 -9.25 -7.96
CA VAL A 319 -15.46 -8.22 -7.02
C VAL A 319 -16.23 -7.04 -7.61
N TYR A 320 -17.26 -6.67 -6.91
CA TYR A 320 -18.16 -5.54 -7.30
C TYR A 320 -18.07 -4.52 -6.23
N SER A 321 -17.86 -3.23 -6.59
CA SER A 321 -17.82 -2.20 -5.54
C SER A 321 -18.46 -0.87 -6.01
N ILE A 322 -18.77 -0.12 -5.04
CA ILE A 322 -19.35 1.24 -5.28
C ILE A 322 -18.75 2.16 -4.21
N ARG A 323 -18.49 3.43 -4.55
CA ARG A 323 -17.81 4.37 -3.70
C ARG A 323 -18.38 5.71 -3.88
N TYR A 324 -18.47 6.43 -2.78
CA TYR A 324 -18.94 7.82 -2.73
C TYR A 324 -17.98 8.64 -1.94
N GLU A 325 -17.57 9.79 -2.48
CA GLU A 325 -16.72 10.72 -1.76
C GLU A 325 -17.19 12.19 -1.97
N TYR A 326 -16.86 12.92 -0.96
CA TYR A 326 -17.08 14.43 -1.00
C TYR A 326 -15.90 15.13 -0.42
N ASP A 327 -15.46 16.13 -1.16
CA ASP A 327 -14.47 17.08 -0.68
C ASP A 327 -15.17 18.37 -0.25
N PHE A 328 -14.97 18.67 0.99
CA PHE A 328 -15.67 19.78 1.64
C PHE A 328 -15.01 21.18 1.51
N LYS A 329 -14.16 21.34 0.50
CA LYS A 329 -13.40 22.57 0.27
C LYS A 329 -14.25 23.79 0.22
N ASN A 330 -15.47 23.70 -0.29
CA ASN A 330 -16.34 24.84 -0.45
C ASN A 330 -17.50 24.85 0.47
N ALA A 331 -17.43 24.09 1.56
CA ALA A 331 -18.58 23.88 2.45
C ALA A 331 -18.27 24.65 3.76
N ARG A 332 -19.29 24.90 4.62
CA ARG A 332 -19.09 25.64 5.88
C ARG A 332 -20.20 25.14 6.84
N ILE A 333 -19.98 25.29 8.12
CA ILE A 333 -21.07 25.13 9.17
C ILE A 333 -21.03 26.49 9.87
N GLY A 334 -21.85 27.47 9.47
CA GLY A 334 -21.82 28.77 10.03
C GLY A 334 -20.52 29.51 9.61
N ASP A 335 -19.81 30.04 10.61
CA ASP A 335 -18.50 30.66 10.38
C ASP A 335 -17.33 29.74 10.17
N VAL A 336 -17.48 28.46 10.37
CA VAL A 336 -16.46 27.44 10.33
C VAL A 336 -16.39 26.89 8.94
N SER A 337 -15.27 27.14 8.25
CA SER A 337 -14.99 26.49 6.98
C SER A 337 -14.65 25.04 7.14
N LEU A 338 -15.17 24.18 6.32
CA LEU A 338 -14.87 22.83 6.32
C LEU A 338 -13.78 22.44 5.33
N ASN A 339 -13.12 23.44 4.78
CA ASN A 339 -12.01 23.08 3.90
C ASN A 339 -10.93 22.31 4.68
N GLY A 340 -10.48 21.24 4.02
CA GLY A 340 -9.58 20.19 4.50
C GLY A 340 -10.27 18.97 5.03
N LEU A 341 -11.68 19.01 5.06
CA LEU A 341 -12.46 17.76 5.34
C LEU A 341 -12.79 17.04 4.09
N ARG A 342 -12.68 15.71 4.17
CA ARG A 342 -13.01 14.73 3.13
C ARG A 342 -13.73 13.54 3.76
N PHE A 343 -14.76 13.11 3.09
CA PHE A 343 -15.53 11.92 3.48
C PHE A 343 -15.50 10.95 2.33
N MET A 344 -15.36 9.65 2.65
CA MET A 344 -15.55 8.56 1.73
C MET A 344 -16.29 7.44 2.46
N THR A 345 -17.08 6.83 1.69
CA THR A 345 -17.70 5.45 2.00
C THR A 345 -17.71 4.59 0.76
N ARG A 346 -17.55 3.27 0.95
CA ARG A 346 -17.46 2.33 -0.10
C ARG A 346 -17.86 0.97 0.32
N TYR A 347 -18.37 0.17 -0.56
CA TYR A 347 -18.78 -1.19 -0.26
C TYR A 347 -18.13 -2.05 -1.38
N ALA A 348 -17.69 -3.20 -1.02
CA ALA A 348 -17.28 -4.23 -2.00
C ALA A 348 -17.81 -5.63 -1.63
N LYS A 349 -18.21 -6.39 -2.60
CA LYS A 349 -18.43 -7.75 -2.38
C LYS A 349 -17.64 -8.62 -3.36
N GLY A 350 -17.04 -9.63 -2.76
CA GLY A 350 -16.30 -10.64 -3.54
C GLY A 350 -16.97 -11.98 -3.50
N GLU A 351 -17.06 -12.61 -4.68
CA GLU A 351 -17.66 -13.92 -4.78
C GLU A 351 -16.89 -14.84 -5.63
N ASP A 352 -17.34 -16.11 -5.68
CA ASP A 352 -16.68 -17.15 -6.49
C ASP A 352 -15.26 -17.41 -6.02
N ILE A 353 -14.96 -17.19 -4.78
CA ILE A 353 -13.59 -17.44 -4.17
C ILE A 353 -13.36 -18.93 -4.09
N ASP A 354 -12.23 -19.30 -4.77
CA ASP A 354 -11.80 -20.70 -4.78
C ASP A 354 -10.54 -20.82 -3.93
N LEU A 355 -10.65 -21.56 -2.82
CA LEU A 355 -9.59 -21.78 -1.85
C LEU A 355 -8.89 -23.15 -2.09
N LEU A 356 -9.19 -23.72 -3.23
CA LEU A 356 -8.39 -24.86 -3.85
C LEU A 356 -8.66 -26.21 -3.21
N GLN A 357 -8.73 -26.31 -1.88
CA GLN A 357 -8.82 -27.52 -1.11
C GLN A 357 -10.25 -27.95 -0.74
N TYR A 358 -11.26 -27.33 -1.42
CA TYR A 358 -12.67 -27.42 -1.03
C TYR A 358 -13.54 -27.94 -2.15
N GLY A 359 -12.95 -28.60 -3.10
CA GLY A 359 -13.77 -29.11 -4.23
C GLY A 359 -14.50 -27.98 -4.98
N ASP A 360 -15.84 -28.18 -5.14
CA ASP A 360 -16.64 -27.16 -5.87
C ASP A 360 -17.18 -26.12 -4.95
N GLN A 361 -16.88 -26.21 -3.63
CA GLN A 361 -17.29 -25.14 -2.72
C GLN A 361 -16.63 -23.80 -3.06
N ARG A 362 -17.44 -22.73 -3.01
CA ARG A 362 -16.91 -21.39 -3.18
C ARG A 362 -17.23 -20.50 -2.05
N PHE A 363 -16.45 -19.46 -1.83
CA PHE A 363 -16.54 -18.57 -0.72
C PHE A 363 -16.86 -17.11 -1.19
N LYS A 364 -17.17 -16.31 -0.18
CA LYS A 364 -17.61 -14.94 -0.41
C LYS A 364 -17.13 -14.06 0.71
N GLU A 365 -17.02 -12.74 0.41
CA GLU A 365 -16.63 -11.74 1.46
C GLU A 365 -17.17 -10.37 1.12
N ASP A 366 -17.37 -9.54 2.09
CA ASP A 366 -17.84 -8.16 1.81
C ASP A 366 -17.35 -7.20 2.84
N SER A 367 -17.25 -5.96 2.44
CA SER A 367 -16.80 -4.86 3.34
C SER A 367 -17.63 -3.61 3.10
N LEU A 368 -18.04 -3.03 4.19
CA LEU A 368 -18.61 -1.64 4.20
C LEU A 368 -17.62 -0.78 4.95
N GLU A 369 -17.10 0.25 4.31
CA GLU A 369 -16.16 1.15 4.92
C GLU A 369 -16.60 2.62 4.92
N PHE A 370 -16.12 3.31 5.93
CA PHE A 370 -16.25 4.76 6.17
C PHE A 370 -14.90 5.38 6.47
N ASP A 371 -14.61 6.57 5.86
CA ASP A 371 -13.32 7.22 5.98
C ASP A 371 -13.62 8.71 6.09
N LEU A 372 -13.29 9.28 7.20
CA LEU A 372 -13.38 10.75 7.47
C LEU A 372 -12.05 11.29 7.84
N GLY A 373 -11.53 12.25 7.03
CA GLY A 373 -10.18 12.83 7.25
C GLY A 373 -10.26 14.34 7.25
N TYR A 374 -9.50 15.00 8.14
CA TYR A 374 -9.45 16.41 8.22
C TYR A 374 -8.02 16.88 8.35
N LYS A 375 -7.65 17.74 7.42
CA LYS A 375 -6.31 18.41 7.50
C LYS A 375 -6.45 19.89 7.59
N ILE A 376 -5.94 20.46 8.65
CA ILE A 376 -6.08 21.85 8.91
C ILE A 376 -5.44 22.72 7.76
N PRO A 377 -6.24 23.64 7.12
CA PRO A 377 -5.79 24.20 5.84
C PRO A 377 -4.96 25.52 6.06
N GLU A 378 -5.05 26.17 7.22
CA GLU A 378 -4.38 27.38 7.42
C GLU A 378 -4.22 27.67 8.94
N GLY A 379 -3.44 28.71 9.26
CA GLY A 379 -3.29 29.09 10.62
C GLY A 379 -2.21 28.38 11.34
N LYS A 380 -2.26 28.52 12.66
CA LYS A 380 -1.27 28.03 13.59
C LYS A 380 -1.04 26.51 13.47
N LEU A 381 -2.09 25.75 13.43
CA LEU A 381 -1.97 24.31 13.32
C LEU A 381 -1.94 23.77 11.90
N LYS A 382 -1.61 24.58 10.92
CA LYS A 382 -1.55 24.05 9.54
C LYS A 382 -0.69 22.85 9.38
N GLY A 383 -1.16 21.85 8.67
CA GLY A 383 -0.37 20.61 8.59
C GLY A 383 -0.82 19.47 9.54
N LEU A 384 -1.71 19.75 10.50
CA LEU A 384 -2.14 18.81 11.46
C LEU A 384 -3.27 18.05 10.73
N GLY A 385 -3.27 16.74 10.78
CA GLY A 385 -4.28 15.95 10.11
C GLY A 385 -4.82 14.93 11.03
N MET A 386 -6.05 14.50 10.79
CA MET A 386 -6.60 13.44 11.61
C MET A 386 -7.54 12.59 10.72
N ARG A 387 -7.62 11.33 10.98
CA ARG A 387 -8.42 10.46 10.16
C ARG A 387 -9.01 9.41 11.00
N ALA A 388 -10.21 9.01 10.60
CA ALA A 388 -10.86 7.87 11.19
C ALA A 388 -11.49 6.97 10.11
N ARG A 389 -11.11 5.72 10.17
CA ARG A 389 -11.54 4.72 9.22
C ARG A 389 -12.18 3.58 9.99
N PHE A 390 -13.27 3.09 9.40
CA PHE A 390 -14.04 1.94 9.95
C PHE A 390 -14.41 0.96 8.83
N SER A 391 -14.27 -0.32 9.07
CA SER A 391 -14.60 -1.35 8.12
C SER A 391 -15.48 -2.41 8.89
N HIS A 392 -16.62 -2.73 8.34
CA HIS A 392 -17.37 -3.89 8.79
C HIS A 392 -17.13 -4.91 7.64
N TYR A 393 -16.45 -5.96 8.01
CA TYR A 393 -15.99 -7.00 7.10
C TYR A 393 -16.53 -8.35 7.49
N ARG A 394 -17.09 -9.07 6.50
CA ARG A 394 -17.55 -10.42 6.78
C ARG A 394 -17.02 -11.37 5.71
N ASN A 395 -16.79 -12.60 6.12
CA ASN A 395 -16.58 -13.64 5.11
C ASN A 395 -17.11 -14.96 5.62
N ASP A 396 -17.23 -15.97 4.75
CA ASP A 396 -17.67 -17.28 5.17
C ASP A 396 -16.49 -18.30 5.00
N MET A 397 -15.30 -17.80 5.06
CA MET A 397 -14.08 -18.61 4.85
C MET A 397 -13.75 -19.39 6.11
N PRO A 398 -12.98 -20.46 6.01
CA PRO A 398 -12.62 -21.24 7.11
C PRO A 398 -11.63 -20.54 8.06
N THR A 399 -11.64 -21.03 9.27
CA THR A 399 -10.87 -20.36 10.32
C THR A 399 -9.35 -20.40 10.21
N ASN A 400 -8.77 -21.22 9.30
CA ASN A 400 -7.35 -21.31 9.13
C ASN A 400 -6.90 -20.30 8.06
N MET A 401 -7.76 -19.46 7.56
CA MET A 401 -7.41 -18.50 6.48
C MET A 401 -6.81 -17.24 7.09
N THR A 402 -6.39 -16.28 6.27
CA THR A 402 -5.67 -15.10 6.74
C THR A 402 -6.60 -14.05 7.21
N PHE A 403 -7.75 -13.89 6.61
CA PHE A 403 -8.67 -12.76 6.96
C PHE A 403 -9.92 -13.34 7.58
N HIS A 404 -10.37 -12.72 8.65
CA HIS A 404 -11.48 -13.18 9.46
C HIS A 404 -12.54 -12.03 9.57
N SER A 405 -13.78 -12.36 9.63
CA SER A 405 -14.89 -11.37 9.87
C SER A 405 -14.45 -10.50 11.03
N ALA A 406 -14.60 -9.18 10.91
CA ALA A 406 -14.10 -8.26 11.89
C ALA A 406 -14.77 -6.94 11.74
N ASN A 407 -14.77 -6.18 12.79
CA ASN A 407 -15.06 -4.77 12.74
C ASN A 407 -13.73 -4.03 13.08
N GLU A 408 -13.24 -3.31 12.05
CA GLU A 408 -11.86 -2.80 12.08
C GLU A 408 -11.95 -1.26 12.19
N THR A 409 -11.17 -0.65 13.08
CA THR A 409 -11.13 0.77 13.24
C THR A 409 -9.61 1.18 13.12
N ARG A 410 -9.30 2.20 12.37
CA ARG A 410 -7.96 2.79 12.36
C ARG A 410 -8.17 4.29 12.64
N LEU A 411 -7.43 4.84 13.62
CA LEU A 411 -7.45 6.26 13.93
C LEU A 411 -6.03 6.81 13.80
N ASN A 412 -5.91 7.89 13.13
CA ASN A 412 -4.65 8.57 12.85
C ASN A 412 -4.64 9.97 13.21
N VAL A 413 -3.62 10.46 13.91
CA VAL A 413 -3.37 11.89 14.00
C VAL A 413 -1.92 12.11 13.56
N ASP A 414 -1.71 12.94 12.59
CA ASP A 414 -0.38 13.22 12.04
C ASP A 414 -0.05 14.70 11.96
N TYR A 415 1.23 15.08 12.14
CA TYR A 415 1.60 16.43 11.93
C TYR A 415 2.93 16.44 11.17
N THR A 416 3.08 17.21 10.09
CA THR A 416 4.31 17.28 9.36
C THR A 416 4.85 18.66 9.41
N PHE A 417 6.14 18.81 9.81
CA PHE A 417 6.91 20.04 9.68
C PHE A 417 7.80 19.95 8.39
N LYS A 418 7.82 20.94 7.52
CA LYS A 418 8.73 21.02 6.32
C LYS A 418 9.77 21.99 6.60
N PHE A 419 10.99 21.74 6.21
CA PHE A 419 12.08 22.63 6.63
C PHE A 419 12.40 23.55 5.45
CA CA B . 2.75 -22.90 -14.77
CA CA C . 12.10 -8.34 20.13
CA CA D . -13.67 -9.89 19.11
CA CA E . 6.47 -4.91 25.80
C1 C8E F . -18.74 17.67 10.19
C2 C8E F . -19.41 16.98 9.00
C3 C8E F . -19.01 15.50 8.80
C4 C8E F . -19.87 14.93 7.66
C5 C8E F . -19.66 13.50 7.25
C6 C8E F . -20.75 12.88 6.46
C7 C8E F . -20.71 13.40 5.09
C8 C8E F . -21.66 12.69 4.28
O9 C8E F . -21.29 13.60 3.29
C10 C8E F . -21.73 14.01 2.01
C11 C8E F . -21.83 15.46 2.27
O12 C8E F . -22.16 16.38 1.19
C13 C8E F . -23.49 17.01 1.17
C14 C8E F . -23.51 18.37 0.45
O15 C8E F . -24.36 18.47 -0.75
C16 C8E F . -24.05 19.60 -1.60
C17 C8E F . -24.78 19.54 -2.97
O18 C8E F . -24.08 19.33 -4.24
C19 C8E F . -23.03 20.26 -4.62
C20 C8E F . -22.03 20.53 -3.48
O21 C8E F . -20.64 20.80 -3.67
C1 C8E G . -24.71 6.79 5.87
C2 C8E G . -25.24 7.22 4.49
C3 C8E G . -24.27 7.42 3.25
C4 C8E G . -23.73 8.85 3.06
C5 C8E G . -24.88 9.81 2.70
C6 C8E G . -24.55 11.33 2.72
C7 C8E G . -25.77 12.12 2.24
C8 C8E G . -25.69 13.59 2.53
O9 C8E G . -25.43 13.76 3.89
C10 C8E G . -25.09 15.11 4.15
C11 C8E G . -24.81 15.12 5.62
O12 C8E G . -24.13 16.37 5.93
C13 C8E G . -22.71 16.60 5.85
C14 C8E G . -22.44 17.98 6.54
O15 C8E G . -22.52 18.96 5.49
C16 C8E G . -22.11 20.27 5.91
C17 C8E G . -22.04 21.14 4.66
O18 C8E G . -22.08 20.65 3.28
C19 C8E G . -22.28 21.82 2.44
C20 C8E G . -22.54 21.62 0.97
O21 C8E G . -22.56 22.91 0.32
C1 C8E H . -21.41 2.63 0.63
C2 C8E H . -21.38 3.16 -0.75
C3 C8E H . -22.45 4.17 -0.90
C4 C8E H . -22.66 4.47 -2.35
C5 C8E H . -23.39 5.71 -2.70
C6 C8E H . -24.31 5.72 -3.92
C7 C8E H . -24.34 7.11 -4.59
C8 C8E H . -25.54 7.49 -5.53
O9 C8E H . -25.28 8.87 -5.93
C10 C8E H . -26.19 9.66 -6.69
C11 C8E H . -26.06 11.16 -6.31
O12 C8E H . -24.69 11.55 -5.99
C13 C8E H . -24.44 12.94 -5.75
C14 C8E H . -24.45 13.76 -7.05
O15 C8E H . -24.24 15.14 -6.76
C16 C8E H . -25.24 16.05 -7.32
C1 C8E I . -31.49 8.57 -6.18
C2 C8E I . -30.17 8.24 -5.53
C3 C8E I . -30.45 7.72 -4.12
C4 C8E I . -29.21 7.10 -3.49
C5 C8E I . -28.75 7.94 -2.30
C6 C8E I . -27.35 7.84 -1.86
C7 C8E I . -26.78 9.17 -1.55
C8 C8E I . -25.32 9.07 -1.15
O9 C8E I . -24.72 10.26 -1.73
C10 C8E I . -25.04 11.37 -0.92
C11 C8E I . -24.85 12.59 -1.71
O12 C8E I . -25.25 13.87 -1.13
C13 C8E I . -25.42 14.65 -2.40
C14 C8E I . -25.76 16.13 -2.48
O15 C8E I . -26.57 16.45 -3.72
C10 C8E J . 22.67 -4.36 -4.42
C11 C8E J . 22.69 -3.93 -2.94
O12 C8E J . 23.39 -2.68 -2.78
C13 C8E J . 22.99 -1.73 -1.72
C14 C8E J . 23.27 -2.03 -0.22
O15 C8E J . 22.94 -0.80 0.49
C16 C8E J . 23.14 -0.53 1.87
C17 C8E J . 22.75 0.91 2.34
O18 C8E J . 23.66 1.61 1.49
C19 C8E J . 23.62 3.00 1.54
C20 C8E J . 24.63 3.32 0.43
O21 C8E J . 24.97 4.68 0.57
O12 C8E K . -6.43 1.59 24.01
C13 C8E K . -6.26 2.99 23.97
C14 C8E K . -6.64 3.52 22.60
O15 C8E K . -6.71 4.95 22.60
C16 C8E K . -7.31 5.53 21.40
C17 C8E K . -6.44 6.72 21.12
O18 C8E K . -6.88 7.55 20.04
C19 C8E K . -5.77 8.04 19.29
C20 C8E K . -6.14 8.63 17.92
O21 C8E K . -5.08 8.35 16.92
C11 C8E L . -6.26 -15.38 -20.56
O12 C8E L . -6.60 -15.04 -19.14
C13 C8E L . -7.96 -14.71 -19.00
C14 C8E L . -8.76 -16.01 -19.15
O15 C8E L . -8.20 -17.15 -18.38
C16 C8E L . -9.22 -18.13 -18.35
C17 C8E L . -8.75 -19.24 -17.43
O18 C8E L . -7.61 -19.83 -18.05
C19 C8E L . -7.14 -20.96 -17.29
C20 C8E L . -5.72 -21.30 -17.64
O21 C8E L . -4.72 -20.44 -16.98
#